data_7MN3
#
_entry.id   7MN3
#
_entity_poly.entity_id   1
_entity_poly.type   'polypeptide(L)'
_entity_poly.pdbx_seq_one_letter_code
;NLVSDIIGSKKHMEKLISIIKKCR(NH2)
;
_entity_poly.pdbx_strand_id   A
#
loop_
_chem_comp.id
_chem_comp.type
_chem_comp.name
_chem_comp.formula
NH2 non-polymer 'AMINO GROUP' 'H2 N'
#
# COMPACT_ATOMS: atom_id res chain seq x y z
N ASN A 1 1.29 -14.54 10.61
CA ASN A 1 2.77 -14.43 10.43
C ASN A 1 3.06 -13.29 9.49
N LEU A 2 4.29 -13.19 9.02
CA LEU A 2 4.68 -12.11 8.12
C LEU A 2 3.75 -12.08 6.91
N VAL A 3 2.96 -13.12 6.75
CA VAL A 3 2.00 -13.13 5.68
C VAL A 3 1.16 -11.86 5.82
N SER A 4 1.02 -11.40 7.06
CA SER A 4 0.24 -10.20 7.33
C SER A 4 0.92 -8.99 6.73
N ASP A 5 2.25 -8.95 6.83
CA ASP A 5 3.00 -7.82 6.28
C ASP A 5 2.63 -7.64 4.81
N ILE A 6 2.50 -8.75 4.09
CA ILE A 6 2.12 -8.67 2.70
C ILE A 6 0.80 -7.93 2.61
N ILE A 7 -0.15 -8.37 3.40
CA ILE A 7 -1.45 -7.70 3.44
C ILE A 7 -1.26 -6.25 3.85
N GLY A 8 -0.50 -6.03 4.93
CA GLY A 8 -0.26 -4.66 5.39
C GLY A 8 0.51 -3.88 4.35
N SER A 9 1.04 -4.57 3.36
CA SER A 9 1.72 -3.89 2.29
C SER A 9 0.63 -3.26 1.43
N LYS A 10 -0.42 -4.05 1.15
CA LYS A 10 -1.57 -3.56 0.40
C LYS A 10 -2.02 -2.26 1.03
N LYS A 11 -1.98 -2.26 2.34
CA LYS A 11 -2.33 -1.14 3.16
C LYS A 11 -1.63 0.16 2.74
N HIS A 12 -0.32 0.13 2.92
CA HIS A 12 0.55 1.24 2.61
C HIS A 12 0.54 1.36 1.13
N MET A 13 0.07 0.28 0.54
CA MET A 13 -0.03 0.23 -0.91
C MET A 13 -1.24 1.04 -1.39
N GLU A 14 -2.37 0.80 -0.75
CA GLU A 14 -3.60 1.49 -1.09
C GLU A 14 -3.37 2.97 -0.93
N LYS A 15 -2.63 3.30 0.10
CA LYS A 15 -2.28 4.66 0.35
C LYS A 15 -1.30 5.05 -0.72
N LEU A 16 -0.47 4.09 -1.10
CA LEU A 16 0.48 4.35 -2.17
C LEU A 16 -0.31 4.64 -3.43
N ILE A 17 -1.41 3.90 -3.60
CA ILE A 17 -2.29 4.07 -4.76
C ILE A 17 -2.98 5.39 -4.69
N SER A 18 -3.65 5.62 -3.58
CA SER A 18 -4.36 6.85 -3.41
C SER A 18 -3.37 7.96 -3.65
N ILE A 19 -2.14 7.58 -3.45
CA ILE A 19 -0.98 8.49 -3.65
C ILE A 19 -0.55 8.62 -5.10
N ILE A 20 -0.41 7.49 -5.74
CA ILE A 20 0.12 7.42 -7.13
C ILE A 20 -0.46 8.50 -8.02
N LYS A 21 -1.75 8.38 -8.17
CA LYS A 21 -2.51 9.27 -9.00
C LYS A 21 -2.54 10.63 -8.37
N LYS A 22 -2.34 10.63 -7.07
CA LYS A 22 -2.30 11.83 -6.31
C LYS A 22 -1.04 12.60 -6.64
N CYS A 23 0.09 11.93 -6.50
CA CYS A 23 1.38 12.53 -6.79
C CYS A 23 1.55 12.67 -8.30
N ARG A 24 1.35 11.55 -9.00
CA ARG A 24 1.47 11.52 -10.45
C ARG A 24 2.52 12.52 -10.94
N NH2 A 25 3.76 12.14 -11.04
HN1 NH2 A 25 4.00 11.22 -10.82
HN2 NH2 A 25 4.44 12.77 -11.34
N ASN A 1 7.33 -7.60 6.83
CA ASN A 1 7.90 -8.90 6.40
C ASN A 1 7.17 -10.03 7.11
N LEU A 2 5.95 -10.30 6.65
CA LEU A 2 5.12 -11.36 7.23
C LEU A 2 3.91 -11.61 6.33
N VAL A 3 3.27 -12.76 6.50
CA VAL A 3 2.10 -13.09 5.69
C VAL A 3 1.07 -11.98 5.84
N SER A 4 0.76 -11.65 7.09
CA SER A 4 -0.20 -10.58 7.35
C SER A 4 0.40 -9.26 6.90
N ASP A 5 1.72 -9.13 7.08
CA ASP A 5 2.44 -7.93 6.69
C ASP A 5 2.23 -7.66 5.21
N ILE A 6 2.28 -8.71 4.39
CA ILE A 6 2.04 -8.56 2.96
C ILE A 6 0.71 -7.85 2.78
N ILE A 7 -0.31 -8.37 3.46
CA ILE A 7 -1.62 -7.75 3.39
C ILE A 7 -1.54 -6.32 3.89
N GLY A 8 -0.86 -6.12 5.02
CA GLY A 8 -0.72 -4.76 5.54
C GLY A 8 0.18 -3.94 4.63
N SER A 9 0.84 -4.59 3.69
CA SER A 9 1.66 -3.89 2.72
C SER A 9 0.69 -3.28 1.73
N LYS A 10 -0.34 -4.07 1.38
CA LYS A 10 -1.38 -3.61 0.47
C LYS A 10 -1.88 -2.26 0.96
N LYS A 11 -1.95 -2.15 2.26
CA LYS A 11 -2.34 -0.95 2.93
C LYS A 11 -1.54 0.27 2.51
N HIS A 12 -0.25 0.21 2.86
CA HIS A 12 0.70 1.26 2.56
C HIS A 12 0.77 1.33 1.08
N MET A 13 0.30 0.24 0.51
CA MET A 13 0.26 0.13 -0.96
C MET A 13 -0.91 0.94 -1.49
N GLU A 14 -2.08 0.71 -0.89
CA GLU A 14 -3.29 1.41 -1.27
C GLU A 14 -3.11 2.87 -0.99
N LYS A 15 -2.35 3.13 0.05
CA LYS A 15 -2.02 4.48 0.40
C LYS A 15 -1.09 4.95 -0.67
N LEU A 16 -0.27 4.02 -1.15
CA LEU A 16 0.65 4.32 -2.24
C LEU A 16 -0.18 4.61 -3.47
N ILE A 17 -1.21 3.81 -3.66
CA ILE A 17 -2.13 3.97 -4.79
C ILE A 17 -2.82 5.30 -4.69
N SER A 18 -3.42 5.52 -3.55
CA SER A 18 -4.13 6.74 -3.35
C SER A 18 -3.17 7.86 -3.59
N ILE A 19 -1.92 7.52 -3.42
CA ILE A 19 -0.81 8.46 -3.64
C ILE A 19 -0.44 8.62 -5.11
N ILE A 20 -0.34 7.50 -5.76
CA ILE A 20 0.11 7.45 -7.17
C ILE A 20 -0.51 8.54 -8.00
N LYS A 21 -1.81 8.43 -8.10
CA LYS A 21 -2.61 9.34 -8.87
C LYS A 21 -2.61 10.70 -8.22
N LYS A 22 -2.38 10.67 -6.92
CA LYS A 22 -2.32 11.87 -6.15
C LYS A 22 -1.09 12.65 -6.57
N CYS A 23 0.06 11.99 -6.51
CA CYS A 23 1.31 12.60 -6.92
C CYS A 23 1.34 12.70 -8.44
N ARG A 24 1.00 11.59 -9.09
CA ARG A 24 0.95 11.49 -10.54
C ARG A 24 2.11 12.26 -11.19
N NH2 A 25 3.13 11.60 -11.67
HN1 NH2 A 25 3.14 10.62 -11.62
HN2 NH2 A 25 3.88 12.08 -12.07
N ASN A 1 2.62 -11.50 10.85
CA ASN A 1 3.66 -10.51 10.48
C ASN A 1 4.28 -10.90 9.13
N LEU A 2 4.07 -12.14 8.69
CA LEU A 2 4.63 -12.59 7.42
C LEU A 2 3.69 -12.14 6.29
N VAL A 3 2.86 -13.05 5.81
CA VAL A 3 1.91 -12.70 4.78
C VAL A 3 1.12 -11.51 5.28
N SER A 4 0.92 -11.50 6.59
CA SER A 4 0.21 -10.42 7.24
C SER A 4 0.82 -9.08 6.83
N ASP A 5 2.15 -9.01 6.90
CA ASP A 5 2.84 -7.80 6.51
C ASP A 5 2.75 -7.61 5.01
N ILE A 6 3.01 -8.68 4.28
CA ILE A 6 2.93 -8.63 2.83
C ILE A 6 1.56 -8.10 2.44
N ILE A 7 0.53 -8.67 3.06
CA ILE A 7 -0.82 -8.24 2.79
C ILE A 7 -1.02 -6.84 3.36
N GLY A 8 -0.64 -6.64 4.62
CA GLY A 8 -0.79 -5.33 5.23
C GLY A 8 0.04 -4.29 4.48
N SER A 9 0.76 -4.71 3.47
CA SER A 9 1.50 -3.76 2.67
C SER A 9 0.48 -3.08 1.78
N LYS A 10 -0.48 -3.89 1.27
CA LYS A 10 -1.56 -3.39 0.43
C LYS A 10 -2.22 -2.20 1.13
N LYS A 11 -2.23 -2.30 2.44
CA LYS A 11 -2.75 -1.31 3.32
C LYS A 11 -2.08 0.06 3.16
N HIS A 12 -0.81 0.08 3.56
CA HIS A 12 0.02 1.26 3.48
C HIS A 12 0.18 1.53 2.03
N MET A 13 -0.16 0.53 1.28
CA MET A 13 -0.08 0.64 -0.17
C MET A 13 -1.23 1.49 -0.69
N GLU A 14 -2.40 1.30 -0.09
CA GLU A 14 -3.62 2.00 -0.48
C GLU A 14 -3.49 3.49 -0.32
N LYS A 15 -2.79 3.92 0.72
CA LYS A 15 -2.59 5.31 0.89
C LYS A 15 -1.54 5.70 -0.11
N LEU A 16 -0.69 4.72 -0.43
CA LEU A 16 0.34 4.94 -1.43
C LEU A 16 -0.34 5.05 -2.78
N ILE A 17 -1.30 4.17 -2.99
CA ILE A 17 -2.08 4.17 -4.23
C ILE A 17 -2.66 5.52 -4.45
N SER A 18 -3.36 5.97 -3.44
CA SER A 18 -3.99 7.26 -3.52
C SER A 18 -2.94 8.28 -3.83
N ILE A 19 -1.73 7.93 -3.50
CA ILE A 19 -0.59 8.82 -3.77
C ILE A 19 -0.12 8.71 -5.21
N ILE A 20 0.00 7.48 -5.62
CA ILE A 20 0.52 7.15 -6.97
C ILE A 20 -0.10 7.99 -8.06
N LYS A 21 -1.40 7.81 -8.15
CA LYS A 21 -2.20 8.45 -9.11
C LYS A 21 -2.25 9.92 -8.85
N LYS A 22 -2.12 10.22 -7.58
CA LYS A 22 -2.17 11.56 -7.12
C LYS A 22 -0.91 12.29 -7.54
N CYS A 23 0.24 11.73 -7.20
CA CYS A 23 1.50 12.32 -7.61
C CYS A 23 1.52 12.35 -9.14
N ARG A 24 0.72 11.46 -9.71
CA ARG A 24 0.58 11.32 -11.15
C ARG A 24 -0.73 11.96 -11.62
N NH2 A 25 -1.27 12.90 -10.90
HN1 NH2 A 25 -0.82 13.21 -10.08
HN2 NH2 A 25 -2.11 13.32 -11.19
N ASN A 1 9.76 -10.48 7.77
CA ASN A 1 8.56 -10.37 6.88
C ASN A 1 7.56 -11.43 7.29
N LEU A 2 6.28 -11.10 7.16
CA LEU A 2 5.22 -12.04 7.53
C LEU A 2 4.02 -11.90 6.60
N VAL A 3 3.22 -12.95 6.49
CA VAL A 3 2.06 -12.89 5.63
C VAL A 3 1.22 -11.68 6.01
N SER A 4 0.87 -11.60 7.29
CA SER A 4 0.12 -10.47 7.80
C SER A 4 0.88 -9.19 7.51
N ASP A 5 2.20 -9.32 7.49
CA ASP A 5 3.08 -8.20 7.21
C ASP A 5 3.01 -7.81 5.74
N ILE A 6 3.26 -8.78 4.86
CA ILE A 6 3.24 -8.53 3.43
C ILE A 6 1.93 -7.89 3.01
N ILE A 7 0.81 -8.51 3.37
CA ILE A 7 -0.49 -7.95 3.00
C ILE A 7 -0.58 -6.49 3.43
N GLY A 8 0.13 -6.14 4.51
CA GLY A 8 0.09 -4.77 4.98
C GLY A 8 0.66 -3.82 3.93
N SER A 9 1.21 -4.37 2.85
CA SER A 9 1.70 -3.52 1.78
C SER A 9 0.49 -3.00 1.04
N LYS A 10 -0.47 -3.90 0.80
CA LYS A 10 -1.72 -3.54 0.14
C LYS A 10 -2.27 -2.31 0.85
N LYS A 11 -2.15 -2.32 2.15
CA LYS A 11 -2.55 -1.24 3.00
C LYS A 11 -1.98 0.11 2.59
N HIS A 12 -0.65 0.18 2.72
CA HIS A 12 0.08 1.38 2.41
C HIS A 12 -0.12 1.61 0.95
N MET A 13 -0.54 0.53 0.33
CA MET A 13 -0.81 0.56 -1.11
C MET A 13 -2.13 1.28 -1.38
N GLU A 14 -3.14 0.85 -0.66
CA GLU A 14 -4.47 1.41 -0.79
C GLU A 14 -4.40 2.91 -0.53
N LYS A 15 -3.52 3.25 0.38
CA LYS A 15 -3.26 4.62 0.72
C LYS A 15 -2.40 5.18 -0.38
N LEU A 16 -1.57 4.30 -0.94
CA LEU A 16 -0.69 4.71 -2.03
C LEU A 16 -1.51 5.06 -3.24
N ILE A 17 -2.58 4.34 -3.44
CA ILE A 17 -3.43 4.59 -4.60
C ILE A 17 -3.79 6.04 -4.69
N SER A 18 -4.35 6.53 -3.62
CA SER A 18 -4.75 7.91 -3.59
C SER A 18 -3.54 8.74 -3.85
N ILE A 19 -2.43 8.15 -3.52
CA ILE A 19 -1.11 8.79 -3.71
C ILE A 19 -0.57 8.69 -5.14
N ILE A 20 -0.69 7.52 -5.69
CA ILE A 20 -0.13 7.22 -7.03
C ILE A 20 -0.41 8.31 -8.04
N LYS A 21 -1.68 8.48 -8.26
CA LYS A 21 -2.18 9.46 -9.19
C LYS A 21 -1.88 10.82 -8.65
N LYS A 22 -1.72 10.88 -7.35
CA LYS A 22 -1.41 12.10 -6.67
C LYS A 22 0.03 12.51 -6.95
N CYS A 23 0.96 11.60 -6.62
CA CYS A 23 2.38 11.86 -6.81
C CYS A 23 2.73 11.90 -8.30
N ARG A 24 1.94 11.17 -9.09
CA ARG A 24 2.15 11.08 -10.54
C ARG A 24 2.69 12.42 -11.08
N NH2 A 25 3.69 12.42 -11.90
HN1 NH2 A 25 4.11 11.56 -12.17
HN2 NH2 A 25 4.04 13.27 -12.24
N ASN A 1 1.94 -15.36 10.47
CA ASN A 1 3.33 -15.26 9.96
C ASN A 1 3.51 -13.90 9.29
N LEU A 2 4.18 -13.87 8.14
CA LEU A 2 4.40 -12.62 7.43
C LEU A 2 3.34 -12.41 6.37
N VAL A 3 2.21 -13.08 6.53
CA VAL A 3 1.11 -12.90 5.61
C VAL A 3 0.56 -11.49 5.80
N SER A 4 0.66 -11.03 7.04
CA SER A 4 0.18 -9.70 7.39
C SER A 4 1.04 -8.64 6.70
N ASP A 5 2.33 -8.95 6.56
CA ASP A 5 3.25 -8.02 5.90
C ASP A 5 2.72 -7.68 4.52
N ILE A 6 2.17 -8.67 3.84
CA ILE A 6 1.60 -8.45 2.52
C ILE A 6 0.45 -7.46 2.66
N ILE A 7 -0.43 -7.73 3.62
CA ILE A 7 -1.56 -6.84 3.88
C ILE A 7 -1.02 -5.47 4.23
N GLY A 8 -0.14 -5.42 5.22
CA GLY A 8 0.44 -4.15 5.63
C GLY A 8 1.09 -3.48 4.43
N SER A 9 1.57 -4.28 3.51
CA SER A 9 2.16 -3.72 2.31
C SER A 9 1.04 -3.22 1.43
N LYS A 10 0.10 -4.11 1.11
CA LYS A 10 -1.06 -3.78 0.27
C LYS A 10 -1.82 -2.55 0.82
N LYS A 11 -1.76 -2.38 2.14
CA LYS A 11 -2.39 -1.34 2.85
C LYS A 11 -1.62 -0.06 2.67
N HIS A 12 -0.38 -0.11 3.13
CA HIS A 12 0.50 1.01 2.97
C HIS A 12 0.57 1.23 1.49
N MET A 13 0.20 0.15 0.79
CA MET A 13 0.20 0.20 -0.67
C MET A 13 -0.98 0.99 -1.21
N GLU A 14 -2.18 0.64 -0.78
CA GLU A 14 -3.38 1.29 -1.22
C GLU A 14 -3.33 2.75 -0.84
N LYS A 15 -2.71 2.97 0.29
CA LYS A 15 -2.50 4.31 0.76
C LYS A 15 -1.51 4.91 -0.20
N LEU A 16 -0.61 4.05 -0.66
CA LEU A 16 0.39 4.50 -1.63
C LEU A 16 -0.29 4.73 -2.97
N ILE A 17 -1.15 3.80 -3.32
CA ILE A 17 -1.89 3.84 -4.58
C ILE A 17 -2.68 5.08 -4.72
N SER A 18 -3.52 5.31 -3.74
CA SER A 18 -4.36 6.47 -3.78
C SER A 18 -3.49 7.67 -3.95
N ILE A 19 -2.27 7.49 -3.51
CA ILE A 19 -1.24 8.54 -3.62
C ILE A 19 -0.57 8.61 -4.99
N ILE A 20 -0.21 7.46 -5.47
CA ILE A 20 0.55 7.35 -6.75
C ILE A 20 0.01 8.25 -7.82
N LYS A 21 -1.21 7.96 -8.18
CA LYS A 21 -1.91 8.66 -9.21
C LYS A 21 -2.22 10.06 -8.74
N LYS A 22 -2.31 10.19 -7.43
CA LYS A 22 -2.58 11.45 -6.82
C LYS A 22 -1.39 12.37 -7.00
N CYS A 23 -0.22 11.90 -6.57
CA CYS A 23 0.99 12.67 -6.71
C CYS A 23 1.24 12.97 -8.19
N ARG A 24 0.71 12.10 -9.04
CA ARG A 24 0.85 12.27 -10.47
C ARG A 24 -0.11 13.35 -10.97
N NH2 A 25 -1.01 13.82 -10.15
HN1 NH2 A 25 -1.07 13.48 -9.23
HN2 NH2 A 25 -1.62 14.52 -10.45
N ASN A 1 8.01 -8.85 4.10
CA ASN A 1 8.79 -9.40 5.23
C ASN A 1 7.99 -10.51 5.90
N LEU A 2 6.72 -10.22 6.20
CA LEU A 2 5.85 -11.20 6.83
C LEU A 2 4.53 -11.32 6.05
N VAL A 3 3.84 -12.44 6.21
CA VAL A 3 2.58 -12.62 5.52
C VAL A 3 1.65 -11.49 5.90
N SER A 4 1.42 -11.34 7.21
CA SER A 4 0.57 -10.27 7.71
C SER A 4 1.12 -8.95 7.21
N ASP A 5 2.44 -8.87 7.12
CA ASP A 5 3.11 -7.66 6.64
C ASP A 5 2.65 -7.38 5.22
N ILE A 6 2.73 -8.40 4.37
CA ILE A 6 2.28 -8.25 2.99
C ILE A 6 0.83 -7.81 2.98
N ILE A 7 0.00 -8.55 3.71
CA ILE A 7 -1.41 -8.24 3.79
C ILE A 7 -1.61 -6.77 4.17
N GLY A 8 -0.98 -6.34 5.24
CA GLY A 8 -1.14 -4.94 5.65
C GLY A 8 -0.38 -4.01 4.71
N SER A 9 0.33 -4.56 3.73
CA SER A 9 1.00 -3.72 2.77
C SER A 9 -0.07 -3.20 1.82
N LYS A 10 -1.00 -4.10 1.47
CA LYS A 10 -2.12 -3.75 0.60
C LYS A 10 -2.77 -2.49 1.15
N LYS A 11 -2.83 -2.44 2.46
CA LYS A 11 -3.35 -1.33 3.20
C LYS A 11 -2.70 0.00 2.83
N HIS A 12 -1.41 0.06 3.16
CA HIS A 12 -0.59 1.22 2.91
C HIS A 12 -0.46 1.35 1.44
N MET A 13 -0.81 0.26 0.81
CA MET A 13 -0.76 0.19 -0.65
C MET A 13 -1.90 1.03 -1.23
N GLU A 14 -3.05 0.88 -0.64
CA GLU A 14 -4.24 1.60 -1.06
C GLU A 14 -3.98 3.08 -0.92
N LYS A 15 -3.22 3.41 0.11
CA LYS A 15 -2.83 4.76 0.35
C LYS A 15 -1.78 5.06 -0.68
N LEU A 16 -0.95 4.06 -0.96
CA LEU A 16 0.10 4.20 -1.96
C LEU A 16 -0.56 4.51 -3.29
N ILE A 17 -1.64 3.80 -3.56
CA ILE A 17 -2.40 4.00 -4.79
C ILE A 17 -2.94 5.39 -4.85
N SER A 18 -3.65 5.74 -3.80
CA SER A 18 -4.23 7.04 -3.73
C SER A 18 -3.13 8.04 -3.88
N ILE A 19 -1.95 7.58 -3.53
CA ILE A 19 -0.72 8.39 -3.64
C ILE A 19 -0.15 8.46 -5.05
N ILE A 20 -0.12 7.31 -5.67
CA ILE A 20 0.48 7.17 -7.02
C ILE A 20 0.09 8.28 -7.96
N LYS A 21 -1.20 8.28 -8.21
CA LYS A 21 -1.80 9.25 -9.09
C LYS A 21 -1.71 10.62 -8.47
N LYS A 22 -1.63 10.62 -7.15
CA LYS A 22 -1.54 11.83 -6.41
C LYS A 22 -0.19 12.48 -6.68
N CYS A 23 0.87 11.68 -6.56
CA CYS A 23 2.21 12.16 -6.82
C CYS A 23 2.34 12.45 -8.32
N ARG A 24 1.75 11.57 -9.11
CA ARG A 24 1.78 11.69 -10.57
C ARG A 24 0.90 12.86 -11.02
N NH2 A 25 -0.13 13.20 -10.31
HN1 NH2 A 25 -0.34 12.70 -9.48
HN2 NH2 A 25 -0.71 13.94 -10.58
N ASN A 1 7.65 -10.35 4.30
CA ASN A 1 7.39 -11.81 4.18
C ASN A 1 6.50 -12.24 5.35
N LEU A 2 5.26 -11.81 5.32
CA LEU A 2 4.32 -12.16 6.38
C LEU A 2 2.90 -11.80 5.94
N VAL A 3 1.91 -12.52 6.44
CA VAL A 3 0.53 -12.22 6.07
C VAL A 3 0.26 -10.75 6.36
N SER A 4 0.56 -10.33 7.58
CA SER A 4 0.39 -8.94 7.97
C SER A 4 1.28 -8.07 7.09
N ASP A 5 2.45 -8.60 6.74
CA ASP A 5 3.38 -7.88 5.88
C ASP A 5 2.82 -7.75 4.49
N ILE A 6 2.47 -8.88 3.89
CA ILE A 6 1.90 -8.90 2.55
C ILE A 6 0.64 -8.06 2.49
N ILE A 7 -0.23 -8.23 3.47
CA ILE A 7 -1.46 -7.45 3.49
C ILE A 7 -1.17 -6.00 3.83
N GLY A 8 -0.42 -5.78 4.92
CA GLY A 8 -0.08 -4.42 5.34
C GLY A 8 0.75 -3.69 4.30
N SER A 9 1.43 -4.43 3.44
CA SER A 9 2.18 -3.77 2.40
C SER A 9 1.18 -3.27 1.38
N LYS A 10 0.31 -4.18 0.90
CA LYS A 10 -0.74 -3.81 -0.03
C LYS A 10 -1.48 -2.63 0.59
N LYS A 11 -1.65 -2.73 1.89
CA LYS A 11 -2.27 -1.73 2.69
C LYS A 11 -1.63 -0.36 2.55
N HIS A 12 -0.39 -0.27 3.05
CA HIS A 12 0.37 0.95 2.99
C HIS A 12 0.45 1.31 1.53
N MET A 13 0.26 0.26 0.77
CA MET A 13 0.29 0.39 -0.69
C MET A 13 -1.00 1.05 -1.17
N GLU A 14 -2.09 0.57 -0.63
CA GLU A 14 -3.41 1.04 -0.93
C GLU A 14 -3.48 2.54 -0.72
N LYS A 15 -2.84 2.96 0.35
CA LYS A 15 -2.77 4.35 0.67
C LYS A 15 -1.75 4.95 -0.27
N LEU A 16 -0.74 4.15 -0.60
CA LEU A 16 0.29 4.61 -1.53
C LEU A 16 -0.33 4.80 -2.89
N ILE A 17 -1.14 3.84 -3.28
CA ILE A 17 -1.84 3.87 -4.57
C ILE A 17 -2.59 5.16 -4.72
N SER A 18 -3.44 5.40 -3.76
CA SER A 18 -4.22 6.60 -3.79
C SER A 18 -3.30 7.78 -3.86
N ILE A 19 -2.11 7.55 -3.40
CA ILE A 19 -1.07 8.60 -3.43
C ILE A 19 -0.43 8.72 -4.80
N ILE A 20 -0.09 7.58 -5.32
CA ILE A 20 0.63 7.49 -6.61
C ILE A 20 0.02 8.36 -7.67
N LYS A 21 -1.21 8.03 -7.97
CA LYS A 21 -1.99 8.68 -8.95
C LYS A 21 -2.26 10.09 -8.55
N LYS A 22 -2.31 10.26 -7.25
CA LYS A 22 -2.57 11.52 -6.68
C LYS A 22 -1.37 12.42 -6.89
N CYS A 23 -0.18 11.91 -6.55
CA CYS A 23 1.04 12.65 -6.76
C CYS A 23 1.30 12.69 -8.27
N ARG A 24 0.72 11.72 -8.96
CA ARG A 24 0.86 11.59 -10.41
C ARG A 24 -0.45 11.95 -11.10
N NH2 A 25 -1.01 13.10 -10.86
HN1 NH2 A 25 -0.58 13.74 -10.25
HN2 NH2 A 25 -1.86 13.33 -11.29
N ASN A 1 8.67 -8.76 5.56
CA ASN A 1 8.50 -10.20 5.22
C ASN A 1 7.69 -10.88 6.33
N LEU A 2 6.38 -10.76 6.26
CA LEU A 2 5.49 -11.36 7.25
C LEU A 2 4.07 -11.44 6.68
N VAL A 3 3.25 -12.31 7.23
CA VAL A 3 1.88 -12.44 6.75
C VAL A 3 1.21 -11.07 6.82
N SER A 4 1.22 -10.49 8.01
CA SER A 4 0.64 -9.17 8.20
C SER A 4 1.36 -8.18 7.28
N ASP A 5 2.66 -8.39 7.15
CA ASP A 5 3.49 -7.54 6.30
C ASP A 5 3.07 -7.69 4.85
N ILE A 6 2.90 -8.93 4.41
CA ILE A 6 2.49 -9.21 3.04
C ILE A 6 1.12 -8.61 2.77
N ILE A 7 0.16 -8.90 3.62
CA ILE A 7 -1.19 -8.40 3.43
C ILE A 7 -1.28 -6.91 3.76
N GLY A 8 -0.73 -6.50 4.89
CA GLY A 8 -0.78 -5.08 5.26
C GLY A 8 0.00 -4.25 4.26
N SER A 9 0.68 -4.90 3.33
CA SER A 9 1.38 -4.15 2.31
C SER A 9 0.32 -3.51 1.45
N LYS A 10 -0.71 -4.31 1.12
CA LYS A 10 -1.84 -3.83 0.33
C LYS A 10 -2.37 -2.56 0.97
N LYS A 11 -2.41 -2.56 2.28
CA LYS A 11 -2.85 -1.44 3.05
C LYS A 11 -2.12 -0.15 2.71
N HIS A 12 -0.83 -0.16 3.04
CA HIS A 12 0.03 0.95 2.81
C HIS A 12 0.03 1.19 1.33
N MET A 13 -0.41 0.15 0.67
CA MET A 13 -0.49 0.16 -0.80
C MET A 13 -1.72 0.93 -1.29
N GLU A 14 -2.85 0.58 -0.72
CA GLU A 14 -4.13 1.17 -1.11
C GLU A 14 -4.10 2.67 -1.01
N LYS A 15 -3.51 3.16 0.06
CA LYS A 15 -3.39 4.58 0.23
C LYS A 15 -2.26 5.05 -0.67
N LEU A 16 -1.33 4.12 -0.94
CA LEU A 16 -0.22 4.43 -1.83
C LEU A 16 -0.80 4.77 -3.19
N ILE A 17 -1.87 4.07 -3.53
CA ILE A 17 -2.55 4.29 -4.81
C ILE A 17 -3.09 5.68 -4.90
N SER A 18 -3.88 6.04 -3.90
CA SER A 18 -4.47 7.34 -3.90
C SER A 18 -3.38 8.34 -3.98
N ILE A 19 -2.23 7.88 -3.57
CA ILE A 19 -1.01 8.71 -3.60
C ILE A 19 -0.36 8.77 -4.98
N ILE A 20 -0.25 7.62 -5.58
CA ILE A 20 0.44 7.46 -6.88
C ILE A 20 0.07 8.53 -7.88
N LYS A 21 -1.19 8.48 -8.23
CA LYS A 21 -1.76 9.39 -9.19
C LYS A 21 -1.79 10.77 -8.63
N LYS A 22 -1.85 10.83 -7.32
CA LYS A 22 -1.86 12.08 -6.64
C LYS A 22 -0.51 12.76 -6.83
N CYS A 23 0.54 12.03 -6.49
CA CYS A 23 1.90 12.52 -6.64
C CYS A 23 2.19 12.74 -8.12
N ARG A 24 1.75 11.80 -8.93
CA ARG A 24 1.96 11.89 -10.37
C ARG A 24 1.25 13.11 -10.92
N NH2 A 25 -0.02 13.26 -10.69
HN1 NH2 A 25 -0.51 12.59 -10.16
HN2 NH2 A 25 -0.49 14.05 -11.04
N ASN A 1 6.06 -11.12 3.87
CA ASN A 1 6.85 -11.67 5.00
C ASN A 1 5.91 -12.01 6.15
N LEU A 2 5.47 -10.98 6.86
CA LEU A 2 4.55 -11.19 7.97
C LEU A 2 3.11 -11.06 7.50
N VAL A 3 2.18 -11.66 8.23
CA VAL A 3 0.77 -11.56 7.85
C VAL A 3 0.38 -10.10 7.77
N SER A 4 0.61 -9.38 8.86
CA SER A 4 0.29 -7.96 8.90
C SER A 4 1.16 -7.22 7.88
N ASP A 5 2.35 -7.76 7.65
CA ASP A 5 3.27 -7.17 6.70
C ASP A 5 2.72 -7.31 5.29
N ILE A 6 2.41 -8.54 4.91
CA ILE A 6 1.86 -8.80 3.58
C ILE A 6 0.54 -8.06 3.43
N ILE A 7 -0.36 -8.25 4.39
CA ILE A 7 -1.65 -7.58 4.34
C ILE A 7 -1.43 -6.06 4.31
N GLY A 8 -0.58 -5.57 5.20
CA GLY A 8 -0.31 -4.14 5.25
C GLY A 8 0.42 -3.69 4.00
N SER A 9 0.92 -4.63 3.21
CA SER A 9 1.59 -4.26 1.97
C SER A 9 0.54 -3.70 1.02
N LYS A 10 -0.49 -4.51 0.77
CA LYS A 10 -1.59 -4.08 -0.10
C LYS A 10 -2.10 -2.74 0.41
N LYS A 11 -2.04 -2.61 1.72
CA LYS A 11 -2.42 -1.43 2.43
C LYS A 11 -1.60 -0.21 2.08
N HIS A 12 -0.31 -0.27 2.48
CA HIS A 12 0.63 0.79 2.23
C HIS A 12 0.64 0.95 0.75
N MET A 13 0.15 -0.11 0.13
CA MET A 13 0.03 -0.13 -1.33
C MET A 13 -1.15 0.74 -1.74
N GLU A 14 -2.28 0.48 -1.11
CA GLU A 14 -3.50 1.21 -1.34
C GLU A 14 -3.26 2.67 -1.05
N LYS A 15 -2.42 2.88 -0.06
CA LYS A 15 -2.04 4.21 0.31
C LYS A 15 -1.08 4.67 -0.75
N LEU A 16 -0.28 3.74 -1.25
CA LEU A 16 0.66 4.05 -2.32
C LEU A 16 -0.12 4.43 -3.56
N ILE A 17 -1.23 3.73 -3.76
CA ILE A 17 -2.10 3.99 -4.90
C ILE A 17 -2.69 5.36 -4.80
N SER A 18 -3.34 5.59 -3.68
CA SER A 18 -3.96 6.87 -3.46
C SER A 18 -2.91 7.92 -3.61
N ILE A 19 -1.69 7.48 -3.43
CA ILE A 19 -0.52 8.37 -3.59
C ILE A 19 -0.19 8.58 -5.06
N ILE A 20 -0.20 7.49 -5.78
CA ILE A 20 0.16 7.49 -7.21
C ILE A 20 -0.50 8.61 -7.97
N LYS A 21 -1.82 8.54 -7.92
CA LYS A 21 -2.67 9.43 -8.58
C LYS A 21 -2.51 10.80 -7.98
N LYS A 22 -2.20 10.77 -6.71
CA LYS A 22 -2.04 11.95 -5.94
C LYS A 22 -0.76 12.65 -6.34
N CYS A 23 0.35 11.91 -6.33
CA CYS A 23 1.62 12.48 -6.74
C CYS A 23 1.50 12.93 -8.19
N ARG A 24 0.54 12.32 -8.89
CA ARG A 24 0.29 12.67 -10.28
C ARG A 24 -0.52 13.96 -10.36
N NH2 A 25 -1.53 14.11 -9.57
HN1 NH2 A 25 -1.77 13.39 -8.92
HN2 NH2 A 25 -2.07 14.92 -9.60
N ASN A 1 0.74 -14.43 11.09
CA ASN A 1 1.65 -13.24 11.10
C ASN A 1 2.47 -13.22 9.82
N LEU A 2 3.27 -12.17 9.63
CA LEU A 2 4.11 -12.02 8.44
C LEU A 2 3.22 -11.83 7.24
N VAL A 3 2.35 -12.80 7.02
CA VAL A 3 1.39 -12.69 5.95
C VAL A 3 0.62 -11.41 6.19
N SER A 4 0.52 -11.07 7.47
CA SER A 4 -0.16 -9.86 7.88
C SER A 4 0.49 -8.67 7.19
N ASP A 5 1.82 -8.64 7.24
CA ASP A 5 2.58 -7.57 6.63
C ASP A 5 2.44 -7.65 5.11
N ILE A 6 2.55 -8.85 4.57
CA ILE A 6 2.43 -9.03 3.13
C ILE A 6 1.12 -8.40 2.68
N ILE A 7 0.04 -8.80 3.33
CA ILE A 7 -1.26 -8.24 3.02
C ILE A 7 -1.27 -6.77 3.42
N GLY A 8 -0.65 -6.47 4.56
CA GLY A 8 -0.61 -5.09 5.02
C GLY A 8 0.31 -4.26 4.13
N SER A 9 0.97 -4.93 3.19
CA SER A 9 1.81 -4.21 2.25
C SER A 9 0.89 -3.55 1.24
N LYS A 10 -0.15 -4.30 0.84
CA LYS A 10 -1.14 -3.78 -0.08
C LYS A 10 -1.63 -2.45 0.48
N LYS A 11 -1.74 -2.41 1.80
CA LYS A 11 -2.13 -1.24 2.52
C LYS A 11 -1.28 -0.02 2.19
N HIS A 12 0.00 -0.11 2.59
CA HIS A 12 0.95 0.95 2.36
C HIS A 12 0.99 1.15 0.89
N MET A 13 0.53 0.12 0.23
CA MET A 13 0.45 0.14 -1.22
C MET A 13 -0.74 0.98 -1.64
N GLU A 14 -1.87 0.71 -1.00
CA GLU A 14 -3.10 1.40 -1.22
C GLU A 14 -2.91 2.86 -0.85
N LYS A 15 -2.06 3.05 0.14
CA LYS A 15 -1.72 4.37 0.58
C LYS A 15 -0.82 4.93 -0.49
N LEU A 16 -0.03 4.05 -1.08
CA LEU A 16 0.84 4.45 -2.18
C LEU A 16 -0.03 4.79 -3.36
N ILE A 17 -1.03 3.94 -3.58
CA ILE A 17 -1.98 4.14 -4.66
C ILE A 17 -2.60 5.50 -4.55
N SER A 18 -3.17 5.74 -3.39
CA SER A 18 -3.82 6.99 -3.16
C SER A 18 -2.84 8.09 -3.42
N ILE A 19 -1.60 7.74 -3.33
CA ILE A 19 -0.52 8.72 -3.60
C ILE A 19 -0.28 8.89 -5.10
N ILE A 20 -0.21 7.76 -5.74
CA ILE A 20 0.10 7.69 -7.19
C ILE A 20 -0.70 8.67 -8.01
N LYS A 21 -1.99 8.46 -7.92
CA LYS A 21 -2.98 9.20 -8.61
C LYS A 21 -3.02 10.60 -8.07
N LYS A 22 -2.66 10.70 -6.82
CA LYS A 22 -2.69 11.93 -6.14
C LYS A 22 -1.57 12.83 -6.63
N CYS A 23 -0.34 12.35 -6.58
CA CYS A 23 0.77 13.12 -7.09
C CYS A 23 0.67 13.11 -8.61
N ARG A 24 0.61 11.91 -9.17
CA ARG A 24 0.45 11.69 -10.61
C ARG A 24 1.43 12.51 -11.45
N NH2 A 25 1.64 13.76 -11.19
HN1 NH2 A 25 1.16 14.20 -10.45
HN2 NH2 A 25 2.28 14.27 -11.72
N ASN A 1 6.53 -10.50 3.26
CA ASN A 1 7.00 -11.53 4.22
C ASN A 1 5.80 -12.25 4.81
N LEU A 2 5.46 -11.91 6.04
CA LEU A 2 4.32 -12.54 6.71
C LEU A 2 3.06 -12.36 5.88
N VAL A 3 2.07 -13.22 6.12
CA VAL A 3 0.81 -13.12 5.39
C VAL A 3 0.22 -11.73 5.58
N SER A 4 0.03 -11.35 6.83
CA SER A 4 -0.51 -10.04 7.16
C SER A 4 0.49 -8.96 6.77
N ASP A 5 1.76 -9.31 6.87
CA ASP A 5 2.83 -8.37 6.52
C ASP A 5 2.61 -7.87 5.10
N ILE A 6 2.41 -8.81 4.18
CA ILE A 6 2.15 -8.43 2.80
C ILE A 6 0.95 -7.49 2.76
N ILE A 7 -0.08 -7.84 3.53
CA ILE A 7 -1.28 -7.02 3.59
C ILE A 7 -0.91 -5.62 4.09
N GLY A 8 -0.24 -5.54 5.24
CA GLY A 8 0.15 -4.23 5.76
C GLY A 8 1.03 -3.51 4.74
N SER A 9 1.68 -4.28 3.90
CA SER A 9 2.47 -3.70 2.85
C SER A 9 1.49 -3.18 1.80
N LYS A 10 0.62 -4.08 1.35
CA LYS A 10 -0.43 -3.72 0.39
C LYS A 10 -1.16 -2.50 0.95
N LYS A 11 -1.29 -2.49 2.25
CA LYS A 11 -1.92 -1.45 2.99
C LYS A 11 -1.30 -0.08 2.74
N HIS A 12 -0.05 0.04 3.21
CA HIS A 12 0.71 1.26 3.07
C HIS A 12 0.80 1.52 1.61
N MET A 13 0.56 0.45 0.90
CA MET A 13 0.56 0.49 -0.56
C MET A 13 -0.74 1.11 -1.06
N GLU A 14 -1.81 0.63 -0.47
CA GLU A 14 -3.16 1.05 -0.78
C GLU A 14 -3.29 2.55 -0.68
N LYS A 15 -2.71 3.06 0.38
CA LYS A 15 -2.73 4.47 0.61
C LYS A 15 -1.75 5.08 -0.35
N LEU A 16 -0.71 4.33 -0.66
CA LEU A 16 0.27 4.82 -1.61
C LEU A 16 -0.38 4.93 -2.98
N ILE A 17 -1.26 3.98 -3.26
CA ILE A 17 -1.99 3.97 -4.53
C ILE A 17 -2.79 5.22 -4.71
N SER A 18 -3.62 5.48 -3.72
CA SER A 18 -4.47 6.62 -3.79
C SER A 18 -3.62 7.83 -4.02
N ILE A 19 -2.39 7.68 -3.60
CA ILE A 19 -1.37 8.74 -3.76
C ILE A 19 -0.76 8.81 -5.14
N ILE A 20 -0.47 7.65 -5.66
CA ILE A 20 0.23 7.51 -6.97
C ILE A 20 -0.35 8.42 -8.02
N LYS A 21 -1.59 8.12 -8.32
CA LYS A 21 -2.34 8.85 -9.31
C LYS A 21 -2.61 10.24 -8.82
N LYS A 22 -2.58 10.38 -7.52
CA LYS A 22 -2.79 11.64 -6.89
C LYS A 22 -1.59 12.54 -7.15
N CYS A 23 -0.40 12.03 -6.83
CA CYS A 23 0.81 12.78 -7.06
C CYS A 23 1.12 12.81 -8.54
N ARG A 24 1.15 11.62 -9.16
CA ARG A 24 1.41 11.46 -10.59
C ARG A 24 2.46 12.46 -11.09
N NH2 A 25 3.66 12.05 -11.33
HN1 NH2 A 25 3.91 11.11 -11.19
HN2 NH2 A 25 4.34 12.69 -11.66
N ASN A 1 5.97 -16.83 8.78
CA ASN A 1 5.04 -15.70 9.05
C ASN A 1 5.37 -14.54 8.11
N LEU A 2 5.14 -13.33 8.57
CA LEU A 2 5.39 -12.12 7.79
C LEU A 2 4.40 -11.99 6.65
N VAL A 3 3.62 -13.03 6.42
CA VAL A 3 2.61 -12.98 5.39
C VAL A 3 1.72 -11.77 5.66
N SER A 4 1.62 -11.44 6.95
CA SER A 4 0.83 -10.30 7.40
C SER A 4 1.34 -9.02 6.77
N ASP A 5 2.66 -8.84 6.79
CA ASP A 5 3.27 -7.64 6.21
C ASP A 5 2.92 -7.55 4.72
N ILE A 6 3.06 -8.68 4.02
CA ILE A 6 2.74 -8.71 2.59
C ILE A 6 1.32 -8.19 2.39
N ILE A 7 0.40 -8.75 3.15
CA ILE A 7 -0.99 -8.30 3.06
C ILE A 7 -1.09 -6.87 3.59
N GLY A 8 -0.52 -6.62 4.75
CA GLY A 8 -0.57 -5.28 5.33
C GLY A 8 0.08 -4.27 4.39
N SER A 9 0.64 -4.73 3.29
CA SER A 9 1.20 -3.81 2.32
C SER A 9 0.05 -3.18 1.56
N LYS A 10 -1.01 -3.97 1.33
CA LYS A 10 -2.21 -3.51 0.63
C LYS A 10 -2.69 -2.21 1.26
N LYS A 11 -2.44 -2.10 2.55
CA LYS A 11 -2.80 -0.96 3.32
C LYS A 11 -2.12 0.32 2.85
N HIS A 12 -0.81 0.31 3.08
CA HIS A 12 0.05 1.40 2.72
C HIS A 12 -0.07 1.53 1.25
N MET A 13 -0.59 0.47 0.69
CA MET A 13 -0.82 0.41 -0.75
C MET A 13 -2.04 1.23 -1.14
N GLU A 14 -3.13 0.95 -0.46
CA GLU A 14 -4.38 1.64 -0.69
C GLU A 14 -4.19 3.12 -0.45
N LYS A 15 -3.34 3.41 0.51
CA LYS A 15 -3.00 4.77 0.81
C LYS A 15 -2.07 5.24 -0.28
N LEU A 16 -1.26 4.29 -0.77
CA LEU A 16 -0.32 4.59 -1.84
C LEU A 16 -1.10 4.91 -3.10
N ILE A 17 -2.17 4.18 -3.32
CA ILE A 17 -3.00 4.38 -4.49
C ILE A 17 -3.40 5.83 -4.60
N SER A 18 -4.00 6.31 -3.54
CA SER A 18 -4.44 7.66 -3.51
C SER A 18 -3.27 8.55 -3.79
N ILE A 19 -2.13 8.01 -3.45
CA ILE A 19 -0.85 8.70 -3.66
C ILE A 19 -0.32 8.60 -5.07
N ILE A 20 -0.39 7.41 -5.60
CA ILE A 20 0.17 7.12 -6.94
C ILE A 20 -0.17 8.16 -7.97
N LYS A 21 -1.46 8.25 -8.22
CA LYS A 21 -1.99 9.16 -9.18
C LYS A 21 -1.77 10.58 -8.69
N LYS A 22 -1.65 10.68 -7.38
CA LYS A 22 -1.42 11.95 -6.75
C LYS A 22 -0.01 12.43 -7.07
N CYS A 23 0.96 11.56 -6.77
CA CYS A 23 2.35 11.89 -7.03
C CYS A 23 2.62 11.85 -8.53
N ARG A 24 1.80 11.10 -9.25
CA ARG A 24 1.94 11.00 -10.70
C ARG A 24 1.18 12.14 -11.38
N NH2 A 25 0.14 12.65 -10.80
HN1 NH2 A 25 -0.17 12.30 -9.93
HN2 NH2 A 25 -0.35 13.39 -11.23
N ASN A 1 2.93 -11.13 12.21
CA ASN A 1 2.88 -10.20 11.04
C ASN A 1 3.70 -10.78 9.90
N LEU A 2 3.33 -11.98 9.43
CA LEU A 2 4.04 -12.61 8.33
C LEU A 2 3.30 -12.31 7.04
N VAL A 3 2.40 -13.21 6.63
CA VAL A 3 1.60 -12.96 5.45
C VAL A 3 0.78 -11.71 5.71
N SER A 4 0.43 -11.54 6.99
CA SER A 4 -0.34 -10.39 7.45
C SER A 4 0.39 -9.11 7.05
N ASP A 5 1.72 -9.17 7.01
CA ASP A 5 2.51 -8.03 6.63
C ASP A 5 2.42 -7.80 5.14
N ILE A 6 2.48 -8.89 4.37
CA ILE A 6 2.38 -8.79 2.93
C ILE A 6 1.09 -8.08 2.55
N ILE A 7 -0.01 -8.58 3.10
CA ILE A 7 -1.30 -7.96 2.83
C ILE A 7 -1.32 -6.55 3.41
N GLY A 8 -0.65 -6.35 4.55
CA GLY A 8 -0.59 -5.02 5.13
C GLY A 8 0.35 -4.16 4.33
N SER A 9 1.13 -4.77 3.45
CA SER A 9 1.99 -4.00 2.60
C SER A 9 1.07 -3.32 1.61
N LYS A 10 0.09 -4.11 1.14
CA LYS A 10 -0.94 -3.62 0.22
C LYS A 10 -1.55 -2.36 0.83
N LYS A 11 -1.75 -2.42 2.13
CA LYS A 11 -2.28 -1.34 2.90
C LYS A 11 -1.50 -0.04 2.73
N HIS A 12 -0.26 -0.10 3.23
CA HIS A 12 0.66 1.02 3.17
C HIS A 12 0.86 1.31 1.72
N MET A 13 0.49 0.32 0.95
CA MET A 13 0.59 0.40 -0.50
C MET A 13 -0.55 1.23 -1.09
N GLU A 14 -1.76 0.91 -0.68
CA GLU A 14 -2.95 1.59 -1.16
C GLU A 14 -2.85 3.06 -0.82
N LYS A 15 -2.31 3.33 0.34
CA LYS A 15 -2.09 4.68 0.75
C LYS A 15 -1.05 5.23 -0.19
N LEU A 16 -0.14 4.34 -0.60
CA LEU A 16 0.90 4.69 -1.55
C LEU A 16 0.27 4.93 -2.91
N ILE A 17 -0.75 4.15 -3.19
CA ILE A 17 -1.46 4.27 -4.46
C ILE A 17 -2.17 5.58 -4.53
N SER A 18 -2.94 5.84 -3.49
CA SER A 18 -3.68 7.06 -3.45
C SER A 18 -2.71 8.19 -3.62
N ILE A 19 -1.48 7.88 -3.33
CA ILE A 19 -0.44 8.89 -3.50
C ILE A 19 -0.02 9.03 -4.96
N ILE A 20 -0.08 7.92 -5.63
CA ILE A 20 0.33 7.86 -7.03
C ILE A 20 -0.53 8.72 -7.93
N LYS A 21 -1.79 8.32 -7.97
CA LYS A 21 -2.75 8.92 -8.82
C LYS A 21 -2.95 10.35 -8.44
N LYS A 22 -2.78 10.64 -7.17
CA LYS A 22 -2.94 12.01 -6.72
C LYS A 22 -1.75 12.82 -7.22
N CYS A 23 -0.58 12.19 -7.28
CA CYS A 23 0.60 12.84 -7.82
C CYS A 23 0.45 12.87 -9.33
N ARG A 24 0.10 11.71 -9.87
CA ARG A 24 -0.11 11.54 -11.29
C ARG A 24 -1.44 12.15 -11.70
N NH2 A 25 -1.76 13.32 -11.27
HN1 NH2 A 25 -1.15 13.82 -10.68
HN2 NH2 A 25 -2.63 13.72 -11.52
N ASN A 1 7.30 -15.46 7.89
CA ASN A 1 6.44 -15.41 6.67
C ASN A 1 5.91 -13.99 6.48
N LEU A 2 5.59 -13.34 7.59
CA LEU A 2 5.07 -11.96 7.55
C LEU A 2 3.99 -11.81 6.49
N VAL A 3 3.22 -12.86 6.28
CA VAL A 3 2.13 -12.76 5.31
C VAL A 3 1.21 -11.62 5.72
N SER A 4 1.10 -11.40 7.03
CA SER A 4 0.27 -10.33 7.55
C SER A 4 0.84 -9.00 7.08
N ASP A 5 2.16 -8.90 7.09
CA ASP A 5 2.83 -7.70 6.63
C ASP A 5 2.60 -7.54 5.13
N ILE A 6 2.78 -8.64 4.40
CA ILE A 6 2.54 -8.62 2.97
C ILE A 6 1.12 -8.13 2.72
N ILE A 7 0.17 -8.75 3.40
CA ILE A 7 -1.22 -8.33 3.28
C ILE A 7 -1.33 -6.86 3.69
N GLY A 8 -0.65 -6.49 4.77
CA GLY A 8 -0.69 -5.10 5.22
C GLY A 8 0.14 -4.23 4.30
N SER A 9 0.71 -4.82 3.26
CA SER A 9 1.44 -4.02 2.30
C SER A 9 0.40 -3.33 1.44
N LYS A 10 -0.69 -4.07 1.18
CA LYS A 10 -1.81 -3.54 0.40
C LYS A 10 -2.23 -2.19 1.00
N LYS A 11 -2.10 -2.12 2.31
CA LYS A 11 -2.41 -0.94 3.08
C LYS A 11 -1.61 0.29 2.66
N HIS A 12 -0.30 0.21 2.92
CA HIS A 12 0.62 1.26 2.58
C HIS A 12 0.47 1.44 1.12
N MET A 13 -0.04 0.38 0.54
CA MET A 13 -0.28 0.36 -0.90
C MET A 13 -1.49 1.18 -1.30
N GLU A 14 -2.60 0.96 -0.62
CA GLU A 14 -3.84 1.68 -0.91
C GLU A 14 -3.62 3.14 -0.65
N LYS A 15 -2.81 3.40 0.34
CA LYS A 15 -2.45 4.75 0.67
C LYS A 15 -1.49 5.20 -0.40
N LEU A 16 -0.69 4.25 -0.87
CA LEU A 16 0.25 4.55 -1.93
C LEU A 16 -0.53 4.82 -3.19
N ILE A 17 -1.53 3.99 -3.42
CA ILE A 17 -2.40 4.13 -4.58
C ILE A 17 -3.02 5.49 -4.60
N SER A 18 -3.67 5.81 -3.52
CA SER A 18 -4.32 7.07 -3.42
C SER A 18 -3.30 8.14 -3.68
N ILE A 19 -2.08 7.76 -3.38
CA ILE A 19 -0.92 8.64 -3.59
C ILE A 19 -0.44 8.68 -5.03
N ILE A 20 -0.35 7.52 -5.61
CA ILE A 20 0.20 7.36 -6.97
C ILE A 20 -0.33 8.40 -7.94
N LYS A 21 -1.62 8.30 -8.13
CA LYS A 21 -2.34 9.17 -9.02
C LYS A 21 -2.32 10.57 -8.47
N LYS A 22 -2.15 10.64 -7.18
CA LYS A 22 -2.09 11.90 -6.50
C LYS A 22 -0.78 12.59 -6.87
N CYS A 23 0.33 11.89 -6.70
CA CYS A 23 1.63 12.42 -7.06
C CYS A 23 1.76 12.42 -8.58
N ARG A 24 1.48 11.26 -9.17
CA ARG A 24 1.53 11.08 -10.62
C ARG A 24 2.67 11.88 -11.24
N NH2 A 25 3.83 11.31 -11.40
HN1 NH2 A 25 3.95 10.38 -11.15
HN2 NH2 A 25 4.57 11.82 -11.78
N ASN A 1 5.21 -12.53 10.55
CA ASN A 1 4.31 -11.63 9.80
C ASN A 1 4.17 -12.14 8.37
N LEU A 2 5.23 -11.97 7.59
CA LEU A 2 5.24 -12.42 6.19
C LEU A 2 3.89 -12.14 5.51
N VAL A 3 2.96 -13.08 5.60
CA VAL A 3 1.65 -12.88 5.01
C VAL A 3 0.96 -11.70 5.69
N SER A 4 1.00 -11.68 7.02
CA SER A 4 0.41 -10.58 7.77
C SER A 4 1.04 -9.27 7.32
N ASP A 5 2.28 -9.37 6.87
CA ASP A 5 3.02 -8.21 6.41
C ASP A 5 2.49 -7.74 5.07
N ILE A 6 2.29 -8.68 4.14
CA ILE A 6 1.79 -8.34 2.82
C ILE A 6 0.48 -7.56 2.92
N ILE A 7 -0.48 -8.11 3.64
CA ILE A 7 -1.77 -7.44 3.77
C ILE A 7 -1.57 -6.00 4.23
N GLY A 8 -0.77 -5.79 5.27
CA GLY A 8 -0.54 -4.43 5.74
C GLY A 8 0.35 -3.68 4.77
N SER A 9 1.04 -4.41 3.91
CA SER A 9 1.84 -3.76 2.90
C SER A 9 0.86 -3.23 1.87
N LYS A 10 -0.16 -4.06 1.56
CA LYS A 10 -1.22 -3.67 0.65
C LYS A 10 -1.82 -2.37 1.17
N LYS A 11 -1.98 -2.33 2.48
CA LYS A 11 -2.49 -1.20 3.18
C LYS A 11 -1.78 0.09 2.83
N HIS A 12 -0.50 0.14 3.26
CA HIS A 12 0.35 1.28 3.02
C HIS A 12 0.45 1.42 1.54
N MET A 13 0.05 0.36 0.91
CA MET A 13 0.06 0.34 -0.55
C MET A 13 -1.15 1.10 -1.10
N GLU A 14 -2.30 0.81 -0.54
CA GLU A 14 -3.56 1.40 -0.97
C GLU A 14 -3.59 2.90 -0.75
N LYS A 15 -3.01 3.34 0.34
CA LYS A 15 -2.94 4.75 0.59
C LYS A 15 -1.86 5.28 -0.29
N LEU A 16 -0.88 4.42 -0.59
CA LEU A 16 0.20 4.81 -1.48
C LEU A 16 -0.38 4.96 -2.87
N ILE A 17 -1.19 3.99 -3.25
CA ILE A 17 -1.85 4.01 -4.55
C ILE A 17 -2.56 5.31 -4.77
N SER A 18 -3.44 5.61 -3.84
CA SER A 18 -4.22 6.80 -3.93
C SER A 18 -3.27 7.97 -4.03
N ILE A 19 -2.09 7.74 -3.55
CA ILE A 19 -1.04 8.78 -3.60
C ILE A 19 -0.34 8.82 -4.96
N ILE A 20 0.03 7.67 -5.40
CA ILE A 20 0.80 7.52 -6.65
C ILE A 20 0.23 8.32 -7.79
N LYS A 21 -0.99 7.96 -8.10
CA LYS A 21 -1.73 8.53 -9.15
C LYS A 21 -2.04 9.96 -8.85
N LYS A 22 -2.13 10.20 -7.57
CA LYS A 22 -2.45 11.49 -7.08
C LYS A 22 -1.27 12.42 -7.31
N CYS A 23 -0.08 11.94 -6.98
CA CYS A 23 1.12 12.72 -7.22
C CYS A 23 1.37 12.76 -8.71
N ARG A 24 0.95 11.69 -9.38
CA ARG A 24 1.09 11.55 -10.82
C ARG A 24 -0.26 11.77 -11.50
N NH2 A 25 -0.81 10.81 -12.18
HN1 NH2 A 25 -0.35 9.95 -12.26
HN2 NH2 A 25 -1.69 10.94 -12.61
N ASN A 1 7.73 -7.83 5.92
CA ASN A 1 8.44 -9.13 5.86
C ASN A 1 7.66 -10.18 6.64
N LEU A 2 6.34 -10.03 6.70
CA LEU A 2 5.50 -10.99 7.41
C LEU A 2 4.35 -11.43 6.51
N VAL A 3 3.78 -12.59 6.80
CA VAL A 3 2.67 -13.08 6.01
C VAL A 3 1.56 -12.03 5.99
N SER A 4 1.16 -11.58 7.17
CA SER A 4 0.13 -10.56 7.29
C SER A 4 0.63 -9.24 6.72
N ASP A 5 1.95 -9.04 6.84
CA ASP A 5 2.57 -7.82 6.34
C ASP A 5 2.39 -7.71 4.83
N ILE A 6 2.53 -8.84 4.13
CA ILE A 6 2.36 -8.84 2.68
C ILE A 6 1.01 -8.25 2.34
N ILE A 7 -0.04 -8.73 2.99
CA ILE A 7 -1.37 -8.23 2.75
C ILE A 7 -1.48 -6.78 3.26
N GLY A 8 -0.94 -6.52 4.45
CA GLY A 8 -1.00 -5.18 4.99
C GLY A 8 -0.16 -4.24 4.13
N SER A 9 0.49 -4.78 3.14
CA SER A 9 1.24 -3.93 2.25
C SER A 9 0.22 -3.19 1.39
N LYS A 10 -0.79 -3.95 0.93
CA LYS A 10 -1.87 -3.36 0.14
C LYS A 10 -2.42 -2.16 0.90
N LYS A 11 -2.47 -2.32 2.21
CA LYS A 11 -2.93 -1.33 3.12
C LYS A 11 -2.18 -0.01 2.99
N HIS A 12 -0.90 -0.07 3.38
CA HIS A 12 -0.02 1.08 3.31
C HIS A 12 0.07 1.43 1.86
N MET A 13 -0.31 0.45 1.09
CA MET A 13 -0.29 0.60 -0.37
C MET A 13 -1.44 1.49 -0.83
N GLU A 14 -2.63 1.20 -0.33
CA GLU A 14 -3.81 1.95 -0.69
C GLU A 14 -3.60 3.42 -0.38
N LYS A 15 -2.87 3.64 0.68
CA LYS A 15 -2.53 4.98 1.06
C LYS A 15 -1.51 5.44 0.06
N LEU A 16 -0.72 4.47 -0.41
CA LEU A 16 0.29 4.75 -1.43
C LEU A 16 -0.42 4.99 -2.76
N ILE A 17 -1.46 4.21 -2.99
CA ILE A 17 -2.25 4.29 -4.21
C ILE A 17 -2.82 5.68 -4.37
N SER A 18 -3.50 6.12 -3.34
CA SER A 18 -4.10 7.42 -3.36
C SER A 18 -3.01 8.41 -3.65
N ILE A 19 -1.82 7.99 -3.36
CA ILE A 19 -0.63 8.85 -3.64
C ILE A 19 -0.20 8.75 -5.09
N ILE A 20 -0.14 7.55 -5.56
CA ILE A 20 0.33 7.26 -6.93
C ILE A 20 -0.30 8.16 -7.96
N LYS A 21 -1.60 8.05 -8.01
CA LYS A 21 -2.42 8.75 -8.92
C LYS A 21 -2.34 10.21 -8.63
N LYS A 22 -2.12 10.47 -7.37
CA LYS A 22 -2.03 11.79 -6.86
C LYS A 22 -0.74 12.45 -7.31
N CYS A 23 0.37 11.76 -7.06
CA CYS A 23 1.69 12.26 -7.44
C CYS A 23 1.85 12.15 -8.96
N ARG A 24 1.62 10.93 -9.46
CA ARG A 24 1.71 10.62 -10.89
C ARG A 24 2.65 11.60 -11.62
N NH2 A 25 3.91 11.33 -11.69
HN1 NH2 A 25 4.26 10.50 -11.29
HN2 NH2 A 25 4.53 11.95 -12.14
N ASN A 1 7.53 -8.82 6.82
CA ASN A 1 8.12 -10.16 6.48
C ASN A 1 7.09 -11.25 6.77
N LEU A 2 5.83 -10.95 6.48
CA LEU A 2 4.74 -11.91 6.71
C LEU A 2 3.65 -11.73 5.68
N VAL A 3 2.72 -12.68 5.62
CA VAL A 3 1.60 -12.56 4.72
C VAL A 3 0.76 -11.38 5.19
N SER A 4 0.61 -11.29 6.52
CA SER A 4 -0.11 -10.20 7.12
C SER A 4 0.67 -8.91 6.86
N ASP A 5 1.98 -9.06 6.82
CA ASP A 5 2.87 -7.95 6.54
C ASP A 5 2.61 -7.48 5.11
N ILE A 6 2.60 -8.43 4.18
CA ILE A 6 2.30 -8.09 2.81
C ILE A 6 0.96 -7.38 2.80
N ILE A 7 -0.01 -7.99 3.46
CA ILE A 7 -1.33 -7.39 3.56
C ILE A 7 -1.17 -5.95 4.06
N GLY A 8 -0.40 -5.76 5.13
CA GLY A 8 -0.19 -4.42 5.65
C GLY A 8 0.61 -3.60 4.66
N SER A 9 1.34 -4.27 3.79
CA SER A 9 2.05 -3.56 2.75
C SER A 9 0.98 -3.04 1.82
N LYS A 10 0.01 -3.92 1.50
CA LYS A 10 -1.12 -3.53 0.67
C LYS A 10 -1.75 -2.28 1.27
N LYS A 11 -1.84 -2.28 2.59
CA LYS A 11 -2.36 -1.18 3.34
C LYS A 11 -1.68 0.15 3.02
N HIS A 12 -0.40 0.20 3.39
CA HIS A 12 0.41 1.38 3.17
C HIS A 12 0.46 1.55 1.68
N MET A 13 0.10 0.47 1.05
CA MET A 13 0.08 0.47 -0.42
C MET A 13 -1.15 1.20 -0.95
N GLU A 14 -2.29 0.88 -0.40
CA GLU A 14 -3.57 1.44 -0.83
C GLU A 14 -3.53 2.95 -0.75
N LYS A 15 -2.97 3.47 0.32
CA LYS A 15 -2.87 4.89 0.43
C LYS A 15 -1.74 5.31 -0.49
N LEU A 16 -0.77 4.41 -0.69
CA LEU A 16 0.31 4.70 -1.62
C LEU A 16 -0.27 4.78 -3.01
N ILE A 17 -1.23 3.91 -3.26
CA ILE A 17 -1.92 3.85 -4.54
C ILE A 17 -2.74 5.08 -4.74
N SER A 18 -3.58 5.35 -3.76
CA SER A 18 -4.41 6.50 -3.85
C SER A 18 -3.53 7.68 -4.06
N ILE A 19 -2.31 7.49 -3.63
CA ILE A 19 -1.25 8.52 -3.75
C ILE A 19 -0.63 8.58 -5.15
N ILE A 20 -0.35 7.42 -5.66
CA ILE A 20 0.37 7.28 -6.95
C ILE A 20 -0.17 8.22 -8.01
N LYS A 21 -1.42 7.98 -8.31
CA LYS A 21 -2.13 8.75 -9.30
C LYS A 21 -2.35 10.14 -8.80
N LYS A 22 -2.35 10.26 -7.50
CA LYS A 22 -2.53 11.53 -6.86
C LYS A 22 -1.29 12.38 -7.12
N CYS A 23 -0.14 11.86 -6.70
CA CYS A 23 1.11 12.55 -6.92
C CYS A 23 1.37 12.60 -8.42
N ARG A 24 1.34 11.43 -9.04
CA ARG A 24 1.52 11.25 -10.48
C ARG A 24 2.77 11.96 -11.00
N NH2 A 25 3.17 13.08 -10.49
HN1 NH2 A 25 2.66 13.49 -9.76
HN2 NH2 A 25 3.98 13.51 -10.83
N ASN A 1 8.93 -6.93 9.50
CA ASN A 1 7.80 -7.16 8.56
C ASN A 1 8.25 -8.09 7.44
N LEU A 2 7.67 -9.28 7.39
CA LEU A 2 8.00 -10.26 6.36
C LEU A 2 6.72 -10.62 5.62
N VAL A 3 6.17 -11.80 5.89
CA VAL A 3 4.92 -12.18 5.25
C VAL A 3 3.91 -11.08 5.58
N SER A 4 4.08 -10.52 6.77
CA SER A 4 3.24 -9.45 7.25
C SER A 4 3.35 -8.25 6.30
N ASP A 5 4.57 -8.01 5.86
CA ASP A 5 4.84 -6.90 4.95
C ASP A 5 3.93 -7.00 3.74
N ILE A 6 3.82 -8.20 3.18
CA ILE A 6 2.97 -8.41 2.02
C ILE A 6 1.56 -7.91 2.32
N ILE A 7 1.02 -8.33 3.46
CA ILE A 7 -0.31 -7.91 3.87
C ILE A 7 -0.34 -6.41 4.14
N GLY A 8 0.59 -5.94 4.97
CA GLY A 8 0.62 -4.52 5.30
C GLY A 8 0.97 -3.69 4.08
N SER A 9 1.42 -4.34 3.01
CA SER A 9 1.74 -3.61 1.81
C SER A 9 0.45 -3.22 1.11
N LYS A 10 -0.40 -4.21 0.87
CA LYS A 10 -1.69 -3.98 0.21
C LYS A 10 -2.45 -2.83 0.89
N LYS A 11 -2.22 -2.68 2.18
CA LYS A 11 -2.83 -1.70 3.01
C LYS A 11 -2.24 -0.32 2.79
N HIS A 12 -0.95 -0.22 3.12
CA HIS A 12 -0.20 1.00 2.93
C HIS A 12 -0.28 1.30 1.46
N MET A 13 -0.61 0.25 0.71
CA MET A 13 -0.74 0.36 -0.74
C MET A 13 -1.95 1.21 -1.13
N GLU A 14 -3.07 0.90 -0.51
CA GLU A 14 -4.32 1.60 -0.79
C GLU A 14 -4.14 3.06 -0.44
N LYS A 15 -3.34 3.30 0.57
CA LYS A 15 -3.05 4.66 0.96
C LYS A 15 -2.09 5.18 -0.07
N LEU A 16 -1.27 4.26 -0.59
CA LEU A 16 -0.30 4.61 -1.62
C LEU A 16 -1.05 4.95 -2.90
N ILE A 17 -2.11 4.21 -3.15
CA ILE A 17 -2.92 4.42 -4.35
C ILE A 17 -3.35 5.84 -4.47
N SER A 18 -3.98 6.31 -3.42
CA SER A 18 -4.46 7.65 -3.40
C SER A 18 -3.32 8.57 -3.69
N ILE A 19 -2.16 8.06 -3.35
CA ILE A 19 -0.90 8.78 -3.56
C ILE A 19 -0.35 8.67 -4.98
N ILE A 20 -0.40 7.48 -5.49
CA ILE A 20 0.18 7.18 -6.83
C ILE A 20 -0.20 8.20 -7.85
N LYS A 21 -1.48 8.24 -8.09
CA LYS A 21 -2.06 9.14 -9.06
C LYS A 21 -1.85 10.55 -8.59
N LYS A 22 -1.71 10.68 -7.29
CA LYS A 22 -1.49 11.95 -6.69
C LYS A 22 -0.09 12.45 -7.05
N CYS A 23 0.88 11.58 -6.85
CA CYS A 23 2.26 11.90 -7.20
C CYS A 23 2.39 11.94 -8.71
N ARG A 24 1.76 10.97 -9.36
CA ARG A 24 1.78 10.89 -10.82
C ARG A 24 1.08 12.09 -11.43
N NH2 A 25 -0.10 12.43 -10.99
HN1 NH2 A 25 -0.53 11.91 -10.27
HN2 NH2 A 25 -0.56 13.20 -11.38
N ASN A 1 1.63 -15.44 11.13
CA ASN A 1 2.45 -15.61 9.91
C ASN A 1 2.72 -14.23 9.31
N LEU A 2 3.90 -14.07 8.73
CA LEU A 2 4.27 -12.79 8.13
C LEU A 2 3.35 -12.40 6.98
N VAL A 3 2.34 -13.21 6.74
CA VAL A 3 1.39 -12.90 5.69
C VAL A 3 0.83 -11.51 5.95
N SER A 4 0.74 -11.15 7.23
CA SER A 4 0.22 -9.85 7.61
C SER A 4 1.05 -8.73 6.97
N ASP A 5 2.36 -8.95 6.90
CA ASP A 5 3.25 -7.95 6.30
C ASP A 5 2.78 -7.64 4.89
N ILE A 6 2.49 -8.68 4.12
CA ILE A 6 2.02 -8.48 2.76
C ILE A 6 0.70 -7.70 2.80
N ILE A 7 -0.23 -8.19 3.59
CA ILE A 7 -1.52 -7.51 3.73
C ILE A 7 -1.28 -6.09 4.19
N GLY A 8 -0.39 -5.92 5.15
CA GLY A 8 -0.09 -4.59 5.65
C GLY A 8 0.66 -3.78 4.60
N SER A 9 1.24 -4.47 3.63
CA SER A 9 1.90 -3.79 2.53
C SER A 9 0.81 -3.27 1.63
N LYS A 10 -0.23 -4.10 1.48
CA LYS A 10 -1.40 -3.76 0.67
C LYS A 10 -1.89 -2.37 1.08
N LYS A 11 -1.69 -2.06 2.35
CA LYS A 11 -2.06 -0.79 2.91
C LYS A 11 -1.29 0.37 2.30
N HIS A 12 0.01 0.36 2.60
CA HIS A 12 0.93 1.37 2.13
C HIS A 12 0.80 1.35 0.65
N MET A 13 0.29 0.22 0.23
CA MET A 13 0.03 0.00 -1.20
C MET A 13 -1.21 0.78 -1.61
N GLU A 14 -2.26 0.59 -0.83
CA GLU A 14 -3.53 1.23 -1.03
C GLU A 14 -3.31 2.73 -1.01
N LYS A 15 -2.46 3.13 -0.09
CA LYS A 15 -2.09 4.50 0.04
C LYS A 15 -1.15 4.83 -1.08
N LEU A 16 -0.25 3.89 -1.36
CA LEU A 16 0.69 4.10 -2.46
C LEU A 16 -0.08 4.39 -3.71
N ILE A 17 -1.14 3.63 -3.91
CA ILE A 17 -2.00 3.79 -5.09
C ILE A 17 -2.79 5.06 -5.02
N SER A 18 -3.51 5.21 -3.92
CA SER A 18 -4.32 6.38 -3.79
C SER A 18 -3.42 7.57 -3.94
N ILE A 19 -2.17 7.31 -3.66
CA ILE A 19 -1.11 8.33 -3.77
C ILE A 19 -0.64 8.59 -5.19
N ILE A 20 -0.47 7.51 -5.90
CA ILE A 20 0.09 7.55 -7.28
C ILE A 20 -0.50 8.65 -8.11
N LYS A 21 -1.79 8.49 -8.32
CA LYS A 21 -2.57 9.41 -9.10
C LYS A 21 -2.69 10.72 -8.38
N LYS A 22 -2.57 10.63 -7.07
CA LYS A 22 -2.65 11.78 -6.23
C LYS A 22 -1.41 12.65 -6.37
N CYS A 23 -0.27 12.05 -6.13
CA CYS A 23 1.01 12.74 -6.21
C CYS A 23 1.39 13.01 -7.65
N ARG A 24 0.96 12.13 -8.55
CA ARG A 24 1.28 12.29 -9.97
C ARG A 24 1.31 13.76 -10.35
N NH2 A 25 2.32 14.25 -11.02
HN1 NH2 A 25 3.05 13.67 -11.29
HN2 NH2 A 25 2.33 15.20 -11.24
N ASN A 1 6.13 -11.07 10.70
CA ASN A 1 5.14 -11.88 9.93
C ASN A 1 5.38 -11.64 8.43
N LEU A 2 4.71 -12.44 7.59
CA LEU A 2 4.89 -12.30 6.15
C LEU A 2 3.60 -11.86 5.47
N VAL A 3 2.62 -12.77 5.40
CA VAL A 3 1.35 -12.47 4.76
C VAL A 3 0.75 -11.22 5.39
N SER A 4 0.73 -11.19 6.71
CA SER A 4 0.19 -10.03 7.40
C SER A 4 0.94 -8.78 6.96
N ASP A 5 2.27 -8.92 6.85
CA ASP A 5 3.11 -7.81 6.42
C ASP A 5 2.73 -7.40 5.02
N ILE A 6 2.64 -8.40 4.13
CA ILE A 6 2.26 -8.13 2.75
C ILE A 6 0.95 -7.36 2.72
N ILE A 7 -0.05 -7.90 3.43
CA ILE A 7 -1.34 -7.23 3.49
C ILE A 7 -1.16 -5.80 4.00
N GLY A 8 -0.46 -5.66 5.14
CA GLY A 8 -0.22 -4.32 5.68
C GLY A 8 0.57 -3.49 4.70
N SER A 9 1.33 -4.16 3.84
CA SER A 9 2.07 -3.46 2.82
C SER A 9 1.04 -3.03 1.78
N LYS A 10 0.24 -4.00 1.33
CA LYS A 10 -0.86 -3.72 0.40
C LYS A 10 -1.68 -2.58 0.98
N LYS A 11 -1.85 -2.63 2.28
CA LYS A 11 -2.54 -1.65 3.06
C LYS A 11 -2.00 -0.24 2.87
N HIS A 12 -0.76 -0.06 3.33
CA HIS A 12 -0.08 1.21 3.24
C HIS A 12 0.07 1.48 1.79
N MET A 13 -0.06 0.40 1.06
CA MET A 13 0.01 0.46 -0.40
C MET A 13 -1.29 1.07 -0.93
N GLU A 14 -2.36 0.59 -0.36
CA GLU A 14 -3.70 1.01 -0.68
C GLU A 14 -3.80 2.51 -0.54
N LYS A 15 -3.16 3.00 0.50
CA LYS A 15 -3.13 4.40 0.76
C LYS A 15 -2.13 5.00 -0.20
N LEU A 16 -1.09 4.21 -0.51
CA LEU A 16 -0.08 4.67 -1.44
C LEU A 16 -0.70 4.82 -2.80
N ILE A 17 -1.61 3.92 -3.11
CA ILE A 17 -2.31 3.94 -4.39
C ILE A 17 -2.90 5.30 -4.62
N SER A 18 -3.71 5.72 -3.67
CA SER A 18 -4.36 7.00 -3.76
C SER A 18 -3.31 8.05 -3.92
N ILE A 19 -2.15 7.71 -3.46
CA ILE A 19 -0.99 8.62 -3.59
C ILE A 19 -0.36 8.57 -4.97
N ILE A 20 -0.22 7.36 -5.45
CA ILE A 20 0.42 7.11 -6.75
C ILE A 20 -0.09 8.01 -7.84
N LYS A 21 -1.38 7.87 -8.06
CA LYS A 21 -2.09 8.58 -9.05
C LYS A 21 -2.06 10.04 -8.73
N LYS A 22 -1.99 10.28 -7.45
CA LYS A 22 -1.98 11.59 -6.93
C LYS A 22 -0.67 12.28 -7.25
N CYS A 23 0.44 11.69 -6.82
CA CYS A 23 1.75 12.26 -7.11
C CYS A 23 1.94 12.32 -8.62
N ARG A 24 1.31 11.39 -9.33
CA ARG A 24 1.41 11.33 -10.79
C ARG A 24 0.65 12.51 -11.40
N NH2 A 25 -0.30 13.08 -10.71
HN1 NH2 A 25 -0.51 12.76 -9.81
HN2 NH2 A 25 -0.80 13.82 -11.09
#